data_5N48
#
_entry.id   5N48
#
_cell.length_a   52.456
_cell.length_b   67.801
_cell.length_c   76.806
_cell.angle_alpha   90.000
_cell.angle_beta   90.060
_cell.angle_gamma   90.000
#
_symmetry.space_group_name_H-M   'P 1 21 1'
#
loop_
_entity.id
_entity.type
_entity.pdbx_description
1 polymer 'Neutrophil gelatinase-associated lipocalin'
2 polymer Fibronectin
3 water water
#
loop_
_entity_poly.entity_id
_entity_poly.type
_entity_poly.pdbx_seq_one_letter_code
_entity_poly.pdbx_strand_id
1 'polypeptide(L)'
;QDSTSDLIPAPPLSKVPLQQNFQDNQFHGKWYVVGRAGNMRLREDKDPAKMVATIYELKEDKSYNVTKVMFQRKKCKYMI
NTFVPGSQPGEFTLGAIKSPPGPTSTLVRVVSTNYNQHAMVFFKHVFQNREYFHITLYGRTKELTSELKENFIRFSKSLG
LPENHIVFPVPIDQCIDGSAWSHPQFEK
;
A,C
2 'polypeptide(L)'
;MASRGSHHHHHHGAEVPQLTDLSFVDITDSSIGLRWTPLNSSTIIGYRITVVAAGEGIPIFEDFVDSSVGYYTVTGLEPG
IDYDISVITLINGGESAPTTLTQQTA
;
B,D
#
# COMPACT_ATOMS: atom_id res chain seq x y z
N SER A 3 34.86 19.86 -9.78
CA SER A 3 33.37 19.98 -9.97
C SER A 3 32.63 18.72 -10.44
N THR A 4 33.34 17.72 -11.00
CA THR A 4 32.77 16.36 -11.10
C THR A 4 32.36 15.95 -9.70
N SER A 5 31.16 15.42 -9.58
CA SER A 5 30.69 14.93 -8.29
C SER A 5 31.49 13.72 -7.81
N ASP A 6 31.85 13.69 -6.52
CA ASP A 6 32.59 12.54 -5.91
C ASP A 6 31.65 11.53 -5.23
N LEU A 7 30.36 11.77 -5.32
CA LEU A 7 29.34 10.88 -4.74
C LEU A 7 29.30 9.54 -5.39
N ILE A 8 28.85 8.53 -4.65
CA ILE A 8 28.45 7.30 -5.25
C ILE A 8 27.38 7.63 -6.34
N PRO A 9 27.56 7.14 -7.54
CA PRO A 9 26.60 7.58 -8.63
C PRO A 9 25.21 7.04 -8.38
N ALA A 10 24.21 7.81 -8.77
CA ALA A 10 22.84 7.32 -8.68
C ALA A 10 22.64 6.12 -9.61
N PRO A 11 21.80 5.16 -9.26
CA PRO A 11 21.66 3.93 -10.04
C PRO A 11 20.81 4.24 -11.27
N PRO A 12 21.02 3.46 -12.34
CA PRO A 12 20.06 3.63 -13.45
C PRO A 12 18.65 3.27 -12.98
N LEU A 13 17.65 3.91 -13.57
CA LEU A 13 16.27 3.63 -13.16
C LEU A 13 15.83 2.21 -13.46
N SER A 14 16.50 1.57 -14.40
CA SER A 14 16.27 0.19 -14.71
C SER A 14 16.46 -0.70 -13.50
N LYS A 15 17.35 -0.27 -12.61
CA LYS A 15 17.59 -0.97 -11.32
C LYS A 15 16.62 -0.56 -10.19
N VAL A 16 15.67 0.32 -10.45
CA VAL A 16 14.73 0.75 -9.40
C VAL A 16 13.25 0.43 -9.77
N PRO A 17 12.82 -0.81 -9.50
CA PRO A 17 11.46 -1.25 -9.77
C PRO A 17 10.39 -0.45 -9.07
N LEU A 18 9.17 -0.63 -9.58
CA LEU A 18 7.96 -0.12 -9.04
C LEU A 18 7.09 -1.28 -8.67
N GLN A 19 6.47 -1.17 -7.49
CA GLN A 19 5.48 -2.14 -7.06
C GLN A 19 4.45 -2.26 -8.13
N GLN A 20 4.24 -3.49 -8.59
CA GLN A 20 3.29 -3.68 -9.70
C GLN A 20 1.90 -3.62 -9.10
N ASN A 21 0.97 -3.06 -9.88
CA ASN A 21 -0.41 -2.83 -9.45
C ASN A 21 -0.51 -1.94 -8.20
N PHE A 22 0.40 -0.98 -8.11
CA PHE A 22 0.47 -0.01 -7.00
C PHE A 22 -0.93 0.58 -6.76
N GLN A 23 -1.35 0.55 -5.51
CA GLN A 23 -2.66 1.02 -5.04
C GLN A 23 -2.47 2.24 -4.19
N ASP A 24 -2.70 3.40 -4.76
CA ASP A 24 -2.46 4.63 -4.06
C ASP A 24 -3.34 4.76 -2.77
N ASN A 25 -4.56 4.22 -2.81
CA ASN A 25 -5.45 4.32 -1.70
C ASN A 25 -4.95 3.49 -0.54
N GLN A 26 -4.20 2.43 -0.84
CA GLN A 26 -3.75 1.57 0.31
C GLN A 26 -2.44 2.05 0.90
N PHE A 27 -1.58 2.65 0.11
CA PHE A 27 -0.33 3.21 0.57
C PHE A 27 -0.54 4.34 1.58
N HIS A 28 -1.64 5.06 1.40
CA HIS A 28 -2.08 6.08 2.26
C HIS A 28 -1.98 5.69 3.77
N GLY A 29 -1.53 6.64 4.56
CA GLY A 29 -1.47 6.50 6.02
C GLY A 29 -0.11 6.66 6.60
N LYS A 30 0.04 6.11 7.82
CA LYS A 30 1.27 6.30 8.57
C LYS A 30 2.22 5.16 8.38
N TRP A 31 3.46 5.53 8.19
CA TRP A 31 4.57 4.62 7.95
C TRP A 31 5.74 4.97 8.89
N TYR A 32 6.19 4.03 9.76
CA TYR A 32 7.36 4.21 10.59
C TYR A 32 8.63 3.90 9.90
N VAL A 33 9.65 4.73 10.12
CA VAL A 33 10.97 4.49 9.52
C VAL A 33 11.62 3.35 10.19
N VAL A 34 12.04 2.30 9.48
CA VAL A 34 12.73 1.13 10.11
C VAL A 34 14.17 1.00 9.64
N GLY A 35 14.38 1.24 8.31
CA GLY A 35 15.73 1.19 7.76
C GLY A 35 15.91 2.42 6.90
N ARG A 36 17.14 2.93 6.83
CA ARG A 36 17.47 4.07 5.90
C ARG A 36 18.79 3.80 5.24
N ALA A 37 18.91 4.14 3.95
CA ALA A 37 20.17 3.99 3.32
C ALA A 37 20.33 5.06 2.27
N GLY A 38 21.48 5.70 2.11
CA GLY A 38 21.62 6.68 0.99
C GLY A 38 23.03 7.07 0.71
N ASN A 39 23.25 7.90 -0.34
CA ASN A 39 24.64 8.23 -0.65
C ASN A 39 25.18 9.51 -0.06
N MET A 40 24.40 10.27 0.72
CA MET A 40 24.93 11.44 1.32
C MET A 40 25.87 10.96 2.40
N ARG A 41 27.00 11.64 2.56
CA ARG A 41 27.91 11.31 3.67
C ARG A 41 27.40 12.04 4.90
N LEU A 42 27.27 11.30 5.99
CA LEU A 42 26.60 11.78 7.19
C LEU A 42 27.61 11.88 8.29
N ARG A 43 27.74 13.05 8.90
CA ARG A 43 28.72 13.27 9.93
C ARG A 43 28.50 12.23 11.06
N GLU A 44 29.60 11.66 11.56
CA GLU A 44 29.51 10.70 12.67
C GLU A 44 28.96 11.47 13.85
N ASP A 45 27.78 11.08 14.35
CA ASP A 45 27.18 11.82 15.43
C ASP A 45 26.80 10.89 16.56
N LYS A 46 27.13 11.30 17.76
CA LYS A 46 26.87 10.46 18.93
C LYS A 46 25.45 10.71 19.47
N ASP A 47 24.65 11.55 18.81
CA ASP A 47 23.26 11.76 19.21
C ASP A 47 22.46 12.29 18.01
N PRO A 48 22.31 11.47 17.00
CA PRO A 48 21.73 11.96 15.73
C PRO A 48 20.24 12.27 15.78
N ALA A 49 19.81 13.24 14.96
CA ALA A 49 18.38 13.43 14.75
C ALA A 49 17.81 12.29 14.01
N LYS A 50 16.55 12.03 14.24
CA LYS A 50 15.92 10.82 13.70
C LYS A 50 14.71 11.19 12.77
N MET A 51 14.51 10.40 11.73
CA MET A 51 13.33 10.46 10.91
C MET A 51 12.47 9.35 11.46
N VAL A 52 11.40 9.77 12.13
CA VAL A 52 10.56 8.90 12.86
C VAL A 52 9.55 8.17 12.02
N ALA A 53 8.90 8.89 11.08
CA ALA A 53 7.77 8.33 10.41
C ALA A 53 7.40 9.30 9.28
N THR A 54 6.55 8.82 8.39
CA THR A 54 6.13 9.62 7.20
C THR A 54 4.69 9.32 7.13
N ILE A 55 3.89 10.38 6.91
CA ILE A 55 2.47 10.18 6.87
C ILE A 55 2.13 10.57 5.41
N TYR A 56 1.57 9.66 4.67
CA TYR A 56 1.11 9.91 3.25
C TYR A 56 -0.41 10.09 3.22
N GLU A 57 -0.92 11.29 2.84
CA GLU A 57 -2.34 11.53 2.78
C GLU A 57 -2.76 11.68 1.32
N LEU A 58 -3.56 10.80 0.82
CA LEU A 58 -3.92 10.82 -0.58
C LEU A 58 -4.99 11.87 -0.74
N LYS A 59 -4.80 12.74 -1.76
CA LYS A 59 -5.73 13.84 -2.06
C LYS A 59 -6.62 13.42 -3.21
N GLU A 60 -7.66 14.21 -3.43
CA GLU A 60 -8.65 13.99 -4.53
C GLU A 60 -7.98 14.06 -5.90
N ASP A 61 -6.96 14.89 -6.03
CA ASP A 61 -6.22 15.01 -7.28
C ASP A 61 -5.17 13.93 -7.53
N LYS A 62 -5.04 13.00 -6.58
CA LYS A 62 -4.22 11.78 -6.62
C LYS A 62 -2.74 12.03 -6.20
N SER A 63 -2.51 13.25 -5.74
CA SER A 63 -1.22 13.63 -5.17
C SER A 63 -1.33 13.19 -3.71
N TYR A 64 -0.17 13.24 -3.04
CA TYR A 64 -0.09 13.02 -1.59
C TYR A 64 0.35 14.28 -0.84
N ASN A 65 -0.25 14.46 0.32
CA ASN A 65 0.21 15.44 1.23
C ASN A 65 1.06 14.58 2.13
N VAL A 66 2.35 14.90 2.18
CA VAL A 66 3.33 14.09 2.93
C VAL A 66 3.75 14.79 4.20
N THR A 67 3.67 14.16 5.37
CA THR A 67 4.18 14.80 6.60
C THR A 67 5.36 14.01 7.08
N LYS A 68 6.52 14.64 7.14
CA LYS A 68 7.68 14.00 7.72
C LYS A 68 7.74 14.31 9.21
N VAL A 69 7.80 13.27 10.05
CA VAL A 69 7.93 13.39 11.49
C VAL A 69 9.38 13.15 11.87
N MET A 70 9.99 14.14 12.49
CA MET A 70 11.40 14.12 12.84
C MET A 70 11.49 14.25 14.39
N PHE A 71 12.62 13.77 14.90
CA PHE A 71 13.00 13.98 16.29
C PHE A 71 14.33 14.71 16.29
N GLN A 72 14.32 15.95 16.71
CA GLN A 72 15.52 16.81 16.70
C GLN A 72 15.76 17.34 18.09
N ARG A 73 16.97 17.09 18.61
CA ARG A 73 17.33 17.49 19.99
C ARG A 73 16.14 17.32 20.93
N LYS A 74 15.61 16.11 20.95
CA LYS A 74 14.57 15.73 21.95
C LYS A 74 13.16 16.29 21.71
N LYS A 75 12.93 16.94 20.56
CA LYS A 75 11.65 17.53 20.22
C LYS A 75 11.10 17.01 18.87
N CYS A 76 9.84 16.62 18.88
CA CYS A 76 9.16 16.24 17.67
C CYS A 76 8.99 17.44 16.73
N LYS A 77 9.29 17.22 15.47
CA LYS A 77 9.09 18.23 14.41
C LYS A 77 8.33 17.63 13.24
N TYR A 78 7.61 18.47 12.50
CA TYR A 78 6.74 18.00 11.45
C TYR A 78 6.96 18.85 10.19
N MET A 79 7.34 18.20 9.11
CA MET A 79 7.56 18.90 7.81
C MET A 79 6.61 18.44 6.71
N ILE A 80 6.21 19.37 5.85
CA ILE A 80 5.21 19.07 4.80
C ILE A 80 5.83 19.14 3.42
N ASN A 81 5.55 18.13 2.60
CA ASN A 81 5.89 18.09 1.14
C ASN A 81 4.62 17.68 0.42
N THR A 82 4.55 17.99 -0.88
CA THR A 82 3.58 17.36 -1.77
C THR A 82 4.27 16.43 -2.77
N PHE A 83 3.70 15.24 -2.95
CA PHE A 83 4.16 14.21 -3.91
C PHE A 83 3.13 14.21 -5.05
N VAL A 84 3.57 14.63 -6.20
CA VAL A 84 2.77 14.70 -7.45
C VAL A 84 3.05 13.46 -8.26
N PRO A 85 2.04 12.75 -8.76
CA PRO A 85 2.34 11.53 -9.51
C PRO A 85 3.21 11.70 -10.77
N GLY A 86 3.97 10.65 -11.11
CA GLY A 86 4.97 10.63 -12.15
C GLY A 86 4.39 9.90 -13.38
N SER A 87 5.24 9.29 -14.20
CA SER A 87 4.80 8.65 -15.45
C SER A 87 4.16 7.25 -15.25
N GLN A 88 4.57 6.54 -14.17
CA GLN A 88 4.05 5.23 -13.85
C GLN A 88 3.39 5.24 -12.46
N PRO A 89 2.45 4.29 -12.19
CA PRO A 89 1.86 4.19 -10.80
C PRO A 89 2.90 3.84 -9.70
N GLY A 90 2.90 4.62 -8.63
CA GLY A 90 3.89 4.36 -7.51
C GLY A 90 5.11 5.22 -7.63
N GLU A 91 5.16 6.04 -8.71
CA GLU A 91 6.17 7.01 -8.98
C GLU A 91 5.62 8.43 -8.75
N PHE A 92 6.43 9.31 -8.16
CA PHE A 92 6.11 10.67 -7.80
C PHE A 92 7.30 11.59 -7.93
N THR A 93 7.00 12.89 -7.98
CA THR A 93 7.99 13.95 -7.91
C THR A 93 7.50 14.87 -6.77
N LEU A 94 8.41 15.63 -6.18
CA LEU A 94 8.04 16.63 -5.18
C LEU A 94 7.38 17.81 -5.87
N GLY A 95 6.56 18.48 -5.10
CA GLY A 95 5.83 19.67 -5.56
C GLY A 95 6.84 20.65 -6.06
N ALA A 96 6.42 21.45 -7.06
CA ALA A 96 7.26 22.45 -7.66
C ALA A 96 7.88 23.22 -6.51
N ILE A 97 9.21 23.35 -6.55
CA ILE A 97 9.95 24.09 -5.52
C ILE A 97 11.12 24.79 -6.22
N LYS A 98 11.48 25.94 -5.69
CA LYS A 98 12.42 26.82 -6.33
C LYS A 98 13.83 26.25 -6.46
N SER A 99 14.35 26.17 -7.68
CA SER A 99 15.67 25.63 -7.96
C SER A 99 16.39 26.49 -9.00
N PRO A 100 17.66 26.88 -8.79
CA PRO A 100 18.37 26.71 -7.46
C PRO A 100 17.73 27.54 -6.35
N PRO A 101 17.95 27.20 -5.07
CA PRO A 101 18.86 26.20 -4.59
C PRO A 101 18.17 24.83 -4.31
N GLY A 102 16.88 24.69 -4.52
CA GLY A 102 16.27 23.42 -4.52
C GLY A 102 16.74 22.48 -5.60
N PRO A 103 16.29 21.25 -5.55
CA PRO A 103 16.68 20.29 -6.55
C PRO A 103 16.06 20.61 -7.94
N THR A 104 16.83 20.34 -8.98
CA THR A 104 16.29 20.54 -10.36
C THR A 104 15.36 19.43 -10.75
N SER A 105 15.57 18.24 -10.16
CA SER A 105 14.58 17.19 -10.31
C SER A 105 14.52 16.37 -9.02
N THR A 106 13.37 15.77 -8.84
CA THR A 106 13.21 14.74 -7.82
C THR A 106 12.51 13.54 -8.40
N LEU A 107 12.60 12.44 -7.68
CA LEU A 107 11.92 11.24 -8.02
C LEU A 107 11.63 10.42 -6.79
N VAL A 108 10.46 9.83 -6.74
CA VAL A 108 10.05 8.86 -5.64
C VAL A 108 9.55 7.62 -6.34
N ARG A 109 10.00 6.43 -5.95
CA ARG A 109 9.51 5.18 -6.50
C ARG A 109 9.18 4.32 -5.34
N VAL A 110 7.94 3.91 -5.23
CA VAL A 110 7.62 2.85 -4.21
C VAL A 110 8.02 1.52 -4.88
N VAL A 111 9.15 0.99 -4.40
CA VAL A 111 9.72 -0.21 -4.96
C VAL A 111 8.83 -1.41 -4.67
N SER A 112 8.54 -1.60 -3.34
CA SER A 112 7.73 -2.75 -2.93
C SER A 112 6.90 -2.38 -1.73
N THR A 113 5.67 -2.92 -1.67
CA THR A 113 4.88 -2.76 -0.45
C THR A 113 3.76 -3.75 -0.49
N ASN A 114 3.37 -4.21 0.72
CA ASN A 114 2.13 -4.97 0.88
C ASN A 114 1.06 -4.21 1.62
N TYR A 115 1.20 -2.88 1.65
CA TYR A 115 0.14 -1.96 2.16
C TYR A 115 -0.05 -2.02 3.67
N ASN A 116 0.00 -3.23 4.23
CA ASN A 116 -0.41 -3.38 5.65
C ASN A 116 0.70 -3.71 6.57
N GLN A 117 1.91 -3.96 6.04
CA GLN A 117 3.08 -4.33 6.84
C GLN A 117 4.31 -3.46 6.55
N HIS A 118 4.75 -3.46 5.29
CA HIS A 118 6.06 -2.91 4.95
C HIS A 118 5.97 -2.10 3.66
N ALA A 119 6.97 -1.28 3.44
CA ALA A 119 7.07 -0.58 2.11
C ALA A 119 8.53 -0.22 2.03
N MET A 120 9.08 -0.08 0.77
CA MET A 120 10.44 0.31 0.57
C MET A 120 10.38 1.35 -0.55
N VAL A 121 10.91 2.52 -0.27
CA VAL A 121 10.71 3.66 -1.17
C VAL A 121 12.10 4.12 -1.56
N PHE A 122 12.25 4.48 -2.88
CA PHE A 122 13.48 5.03 -3.38
C PHE A 122 13.24 6.56 -3.60
N PHE A 123 14.22 7.36 -3.20
CA PHE A 123 14.17 8.85 -3.43
C PHE A 123 15.38 9.30 -4.13
N LYS A 124 15.21 10.15 -5.18
CA LYS A 124 16.35 10.81 -5.75
C LYS A 124 16.10 12.36 -5.80
N HIS A 125 17.15 13.12 -5.50
CA HIS A 125 17.12 14.60 -5.55
C HIS A 125 18.36 14.91 -6.35
N VAL A 126 18.17 15.60 -7.50
CA VAL A 126 19.30 16.02 -8.29
C VAL A 126 19.37 17.54 -8.17
N PHE A 127 20.58 18.03 -7.94
CA PHE A 127 20.92 19.43 -7.88
C PHE A 127 21.94 19.65 -9.00
N GLN A 128 21.45 20.00 -10.22
CA GLN A 128 22.29 20.13 -11.38
C GLN A 128 23.12 18.83 -11.60
N ASN A 129 24.41 18.84 -11.29
CA ASN A 129 25.37 17.79 -11.62
C ASN A 129 25.31 16.64 -10.59
N ARG A 130 24.95 17.04 -9.37
CA ARG A 130 25.08 16.20 -8.17
C ARG A 130 23.78 15.43 -7.89
N GLU A 131 23.89 14.11 -7.76
CA GLU A 131 22.67 13.29 -7.61
C GLU A 131 22.67 12.56 -6.26
N TYR A 132 21.77 12.95 -5.40
CA TYR A 132 21.65 12.26 -4.07
C TYR A 132 20.51 11.25 -4.13
N PHE A 133 20.67 10.10 -3.42
CA PHE A 133 19.57 9.15 -3.41
C PHE A 133 19.47 8.48 -2.07
N HIS A 134 18.29 7.94 -1.86
CA HIS A 134 17.97 7.41 -0.49
C HIS A 134 16.95 6.28 -0.64
N ILE A 135 17.02 5.27 0.23
CA ILE A 135 16.06 4.27 0.23
C ILE A 135 15.58 4.18 1.63
N THR A 136 14.26 4.12 1.79
CA THR A 136 13.71 4.01 3.16
C THR A 136 12.89 2.74 3.23
N LEU A 137 13.11 1.96 4.32
CA LEU A 137 12.28 0.79 4.65
C LEU A 137 11.35 1.26 5.74
N TYR A 138 10.05 1.06 5.52
CA TYR A 138 8.98 1.57 6.34
C TYR A 138 8.16 0.38 6.87
N GLY A 139 7.60 0.49 8.09
CA GLY A 139 6.54 -0.49 8.50
C GLY A 139 5.31 0.19 9.00
N ARG A 140 4.19 -0.52 9.04
CA ARG A 140 3.02 0.06 9.64
C ARG A 140 3.25 0.10 11.16
N THR A 141 4.06 -0.81 11.68
CA THR A 141 4.60 -0.68 13.03
C THR A 141 6.09 -0.47 13.03
N LYS A 142 6.71 -0.36 14.21
CA LYS A 142 8.17 -0.21 14.24
C LYS A 142 8.90 -1.55 13.97
N GLU A 143 8.16 -2.64 13.95
CA GLU A 143 8.68 -4.02 13.89
C GLU A 143 8.56 -4.58 12.48
N LEU A 144 9.69 -5.01 11.92
CA LEU A 144 9.67 -5.78 10.70
C LEU A 144 10.45 -7.12 10.87
N THR A 145 9.95 -8.12 10.17
CA THR A 145 10.59 -9.38 9.72
C THR A 145 12.04 -9.30 9.24
N SER A 146 12.84 -10.34 9.50
CA SER A 146 14.27 -10.34 9.15
C SER A 146 14.45 -10.34 7.59
N GLU A 147 13.64 -11.13 6.91
CA GLU A 147 13.72 -11.27 5.46
C GLU A 147 13.43 -9.91 4.81
N LEU A 148 12.52 -9.16 5.38
CA LEU A 148 12.10 -7.86 4.80
C LEU A 148 13.20 -6.88 4.95
N LYS A 149 13.85 -6.85 6.13
CA LYS A 149 15.06 -6.12 6.37
C LYS A 149 16.23 -6.57 5.54
N GLU A 150 16.45 -7.90 5.40
CA GLU A 150 17.50 -8.44 4.57
C GLU A 150 17.29 -8.07 3.05
N ASN A 151 16.05 -8.03 2.65
CA ASN A 151 15.79 -7.54 1.28
C ASN A 151 16.22 -6.11 1.04
N PHE A 152 15.87 -5.26 1.99
CA PHE A 152 16.28 -3.86 1.96
C PHE A 152 17.80 -3.70 1.94
N ILE A 153 18.51 -4.44 2.80
CA ILE A 153 19.96 -4.50 2.70
C ILE A 153 20.45 -4.84 1.25
N ARG A 154 19.91 -5.91 0.68
CA ARG A 154 20.37 -6.43 -0.63
C ARG A 154 20.04 -5.39 -1.71
N PHE A 155 18.88 -4.76 -1.58
CA PHE A 155 18.47 -3.77 -2.62
C PHE A 155 19.41 -2.58 -2.54
N SER A 156 19.64 -2.06 -1.32
CA SER A 156 20.50 -0.92 -1.11
C SER A 156 21.88 -1.22 -1.70
N LYS A 157 22.37 -2.44 -1.50
CA LYS A 157 23.66 -2.84 -2.07
C LYS A 157 23.63 -2.91 -3.58
N SER A 158 22.55 -3.39 -4.14
CA SER A 158 22.38 -3.49 -5.59
C SER A 158 22.45 -2.14 -6.21
N LEU A 159 22.15 -1.08 -5.43
CA LEU A 159 22.27 0.32 -5.92
C LEU A 159 23.65 0.95 -5.70
N GLY A 160 24.63 0.13 -5.28
CA GLY A 160 25.99 0.60 -5.01
C GLY A 160 26.34 1.16 -3.65
N LEU A 161 25.51 0.86 -2.65
CA LEU A 161 25.69 1.44 -1.29
C LEU A 161 26.44 0.38 -0.48
N PRO A 162 27.58 0.79 0.09
CA PRO A 162 28.32 -0.05 1.06
C PRO A 162 27.56 -0.29 2.32
N GLU A 163 28.03 -1.24 3.14
CA GLU A 163 27.22 -1.63 4.31
C GLU A 163 27.06 -0.49 5.31
N ASN A 164 28.11 0.32 5.46
CA ASN A 164 28.08 1.43 6.40
C ASN A 164 27.11 2.57 6.07
N HIS A 165 26.63 2.61 4.83
CA HIS A 165 25.62 3.57 4.51
C HIS A 165 24.20 2.99 4.66
N ILE A 166 24.10 1.84 5.36
CA ILE A 166 22.80 1.12 5.44
C ILE A 166 22.52 0.90 6.85
N VAL A 167 21.57 1.68 7.42
CA VAL A 167 21.33 1.70 8.92
C VAL A 167 19.86 1.39 9.29
N PHE A 168 19.70 0.84 10.50
CA PHE A 168 18.41 0.56 11.06
C PHE A 168 18.38 1.33 12.34
N PRO A 169 18.02 2.59 12.35
CA PRO A 169 18.03 3.39 13.54
C PRO A 169 17.17 2.84 14.66
N VAL A 170 17.71 2.92 15.89
CA VAL A 170 16.86 2.64 16.99
C VAL A 170 15.76 3.68 17.10
N PRO A 171 14.50 3.24 17.07
CA PRO A 171 13.34 4.16 17.14
C PRO A 171 13.06 4.84 18.46
N ILE A 172 12.29 5.93 18.37
CA ILE A 172 11.83 6.69 19.51
C ILE A 172 10.54 6.06 20.02
N ASP A 173 10.12 6.49 21.21
CA ASP A 173 8.84 6.12 21.80
C ASP A 173 7.88 7.34 21.77
N GLN A 174 8.09 8.22 20.79
CA GLN A 174 7.57 9.60 20.87
C GLN A 174 6.93 10.03 19.56
N CYS A 175 6.30 11.20 19.57
CA CYS A 175 5.87 11.98 18.38
C CYS A 175 4.63 11.60 17.62
N ILE A 176 4.05 10.47 17.99
CA ILE A 176 2.99 9.80 17.21
C ILE A 176 1.68 9.80 18.00
N ASP A 177 1.69 9.23 19.21
CA ASP A 177 0.44 8.96 19.95
C ASP A 177 0.09 10.12 20.87
N GLU B 15 45.69 18.06 1.32
CA GLU B 15 44.20 18.01 1.46
C GLU B 15 43.65 19.43 1.64
N VAL B 16 42.41 19.63 1.19
CA VAL B 16 41.85 20.95 0.98
C VAL B 16 41.42 21.57 2.33
N PRO B 17 41.75 22.86 2.58
CA PRO B 17 41.40 23.53 3.84
C PRO B 17 39.91 23.78 4.00
N GLN B 18 39.41 23.47 5.18
CA GLN B 18 38.03 23.78 5.61
C GLN B 18 37.96 25.20 6.15
N LEU B 19 36.78 25.80 6.04
CA LEU B 19 36.51 27.09 6.70
C LEU B 19 36.53 26.84 8.21
N THR B 20 37.25 27.70 8.94
CA THR B 20 37.40 27.54 10.39
C THR B 20 36.59 28.59 11.16
N ASP B 21 35.78 29.39 10.47
CA ASP B 21 35.01 30.44 11.12
C ASP B 21 33.61 30.65 10.54
N LEU B 22 32.96 29.58 10.09
CA LEU B 22 31.58 29.63 9.67
C LEU B 22 30.72 30.13 10.84
N SER B 23 29.88 31.12 10.58
CA SER B 23 29.01 31.73 11.59
C SER B 23 27.60 31.89 11.03
N PHE B 24 26.62 31.92 11.93
CA PHE B 24 25.23 32.16 11.56
C PHE B 24 24.82 33.51 12.08
N VAL B 25 24.08 34.23 11.22
CA VAL B 25 23.67 35.60 11.50
C VAL B 25 22.25 35.80 10.97
N ASP B 26 21.49 36.71 11.58
CA ASP B 26 20.19 37.09 11.04
C ASP B 26 19.27 35.88 10.84
N ILE B 27 19.19 35.07 11.90
CA ILE B 27 18.30 33.93 11.95
C ILE B 27 16.87 34.42 12.09
N THR B 28 16.06 34.03 11.12
CA THR B 28 14.64 34.29 11.18
C THR B 28 13.91 32.96 11.19
N ASP B 29 12.59 33.02 11.20
CA ASP B 29 11.76 31.84 11.05
C ASP B 29 11.88 31.13 9.68
N SER B 30 12.32 31.84 8.63
CA SER B 30 12.45 31.24 7.30
C SER B 30 13.83 31.42 6.63
N SER B 31 14.78 31.99 7.34
CA SER B 31 16.12 32.17 6.72
C SER B 31 17.24 32.21 7.75
N ILE B 32 18.44 31.81 7.30
CA ILE B 32 19.65 31.76 8.10
C ILE B 32 20.76 32.40 7.28
N GLY B 33 21.51 33.30 7.87
CA GLY B 33 22.61 33.96 7.16
C GLY B 33 23.91 33.27 7.50
N LEU B 34 24.72 33.00 6.48
CA LEU B 34 26.02 32.38 6.64
C LEU B 34 27.10 33.39 6.34
N ARG B 35 28.07 33.44 7.23
CA ARG B 35 29.25 34.27 7.08
C ARG B 35 30.50 33.43 7.33
N TRP B 36 31.55 33.77 6.60
CA TRP B 36 32.86 33.12 6.71
C TRP B 36 33.87 34.01 6.03
N THR B 37 35.14 33.78 6.34
CA THR B 37 36.21 34.52 5.71
C THR B 37 36.71 33.73 4.48
N PRO B 38 36.55 34.29 3.27
CA PRO B 38 37.11 33.53 2.12
C PRO B 38 38.56 33.10 2.31
N LEU B 39 38.84 31.83 2.00
CA LEU B 39 40.23 31.31 1.94
C LEU B 39 40.93 31.86 0.73
N ASN B 40 42.24 32.03 0.84
CA ASN B 40 43.03 32.85 -0.08
C ASN B 40 43.82 32.10 -1.15
N SER B 41 44.06 30.82 -0.94
CA SER B 41 44.92 30.05 -1.85
C SER B 41 44.33 30.08 -3.25
N SER B 42 45.18 30.33 -4.24
CA SER B 42 44.72 30.32 -5.62
C SER B 42 44.30 28.90 -6.06
N THR B 43 44.40 27.90 -5.19
CA THR B 43 43.89 26.59 -5.53
C THR B 43 42.38 26.55 -5.42
N ILE B 44 41.78 27.56 -4.80
CA ILE B 44 40.37 27.46 -4.43
C ILE B 44 39.51 28.03 -5.53
N ILE B 45 38.51 27.28 -5.97
CA ILE B 45 37.61 27.69 -7.06
C ILE B 45 36.26 28.18 -6.58
N GLY B 46 35.92 27.90 -5.31
CA GLY B 46 34.60 28.26 -4.76
C GLY B 46 34.24 27.45 -3.53
N TYR B 47 32.99 27.60 -3.13
CA TYR B 47 32.38 26.87 -2.02
C TYR B 47 31.02 26.33 -2.39
N ARG B 48 30.77 25.11 -1.98
CA ARG B 48 29.43 24.54 -2.02
C ARG B 48 28.71 24.73 -0.68
N ILE B 49 27.48 25.14 -0.71
CA ILE B 49 26.63 25.20 0.51
C ILE B 49 25.60 24.08 0.36
N THR B 50 25.52 23.17 1.33
CA THR B 50 24.54 22.10 1.33
C THR B 50 23.74 22.24 2.67
N VAL B 51 22.43 22.11 2.58
CA VAL B 51 21.56 22.29 3.71
C VAL B 51 20.67 21.07 3.84
N VAL B 52 20.68 20.48 5.03
CA VAL B 52 19.90 19.30 5.28
C VAL B 52 19.03 19.53 6.52
N ALA B 53 17.74 19.16 6.46
CA ALA B 53 16.93 19.33 7.65
C ALA B 53 17.39 18.11 8.48
N ALA B 54 17.77 18.34 9.73
CA ALA B 54 18.55 17.38 10.48
C ALA B 54 17.68 16.08 10.70
N GLY B 55 18.28 14.94 10.37
CA GLY B 55 17.64 13.62 10.31
C GLY B 55 17.14 13.14 8.96
N GLU B 56 17.01 14.08 8.02
CA GLU B 56 16.70 13.75 6.61
C GLU B 56 17.90 13.09 5.94
N GLY B 57 17.60 12.28 4.94
CA GLY B 57 18.69 11.53 4.27
C GLY B 57 19.26 12.15 3.03
N ILE B 58 18.70 13.28 2.61
CA ILE B 58 19.07 13.98 1.34
C ILE B 58 19.00 15.46 1.69
N PRO B 59 19.88 16.30 1.13
CA PRO B 59 19.74 17.76 1.24
C PRO B 59 18.46 18.31 0.64
N ILE B 60 18.04 19.45 1.15
CA ILE B 60 16.87 20.23 0.63
C ILE B 60 17.40 21.30 -0.32
N PHE B 61 18.58 21.84 -0.02
CA PHE B 61 19.18 22.98 -0.65
C PHE B 61 20.62 22.69 -0.95
N GLU B 62 21.08 23.08 -2.13
CA GLU B 62 22.49 23.03 -2.41
C GLU B 62 22.79 24.04 -3.48
N ASP B 63 23.88 24.79 -3.29
CA ASP B 63 24.19 25.88 -4.21
C ASP B 63 25.68 26.13 -4.19
N PHE B 64 26.15 27.01 -5.07
CA PHE B 64 27.55 27.28 -5.25
C PHE B 64 27.80 28.75 -5.22
N VAL B 65 28.95 29.14 -4.66
CA VAL B 65 29.44 30.52 -4.84
C VAL B 65 30.89 30.45 -5.27
N ASP B 66 31.30 31.41 -6.11
CA ASP B 66 32.69 31.42 -6.53
C ASP B 66 33.57 31.82 -5.37
N SER B 67 34.87 31.72 -5.56
CA SER B 67 35.82 31.85 -4.44
C SER B 67 35.86 33.20 -3.74
N SER B 68 35.24 34.20 -4.34
CA SER B 68 35.24 35.58 -3.82
C SER B 68 34.27 35.80 -2.67
N VAL B 69 33.29 34.92 -2.56
CA VAL B 69 32.18 35.04 -1.62
C VAL B 69 32.44 34.58 -0.16
N GLY B 70 32.07 35.45 0.78
CA GLY B 70 32.11 35.13 2.24
C GLY B 70 30.77 35.30 2.97
N TYR B 71 29.68 35.12 2.25
CA TYR B 71 28.33 35.51 2.65
C TYR B 71 27.29 34.86 1.73
N TYR B 72 26.35 34.14 2.33
CA TYR B 72 25.29 33.44 1.59
C TYR B 72 24.09 33.44 2.55
N THR B 73 22.88 33.71 2.04
CA THR B 73 21.65 33.56 2.86
C THR B 73 20.86 32.40 2.33
N VAL B 74 20.62 31.43 3.21
CA VAL B 74 19.72 30.32 2.95
C VAL B 74 18.29 30.79 3.15
N THR B 75 17.45 30.47 2.17
CA THR B 75 16.10 30.97 1.99
C THR B 75 15.11 29.82 1.92
N GLY B 76 13.88 30.10 2.30
CA GLY B 76 12.79 29.16 2.11
C GLY B 76 12.87 28.04 3.11
N LEU B 77 13.29 28.35 4.33
CA LEU B 77 13.35 27.38 5.42
C LEU B 77 12.05 27.41 6.25
N GLU B 78 11.86 26.41 7.10
CA GLU B 78 10.68 26.27 7.94
C GLU B 78 11.04 26.69 9.40
N PRO B 79 10.18 27.47 10.07
CA PRO B 79 10.46 27.84 11.47
C PRO B 79 10.62 26.65 12.42
N GLY B 80 11.44 26.82 13.42
CA GLY B 80 11.64 25.80 14.43
C GLY B 80 12.26 24.50 13.98
N ILE B 81 12.87 24.46 12.79
CA ILE B 81 13.61 23.24 12.35
C ILE B 81 15.15 23.34 12.44
N ASP B 82 15.77 22.29 12.94
CA ASP B 82 17.22 22.29 12.93
C ASP B 82 17.67 21.92 11.55
N TYR B 83 18.57 22.75 11.01
CA TYR B 83 19.24 22.45 9.78
C TYR B 83 20.72 22.23 9.97
N ASP B 84 21.24 21.17 9.40
CA ASP B 84 22.70 20.95 9.38
C ASP B 84 23.19 21.64 8.10
N ILE B 85 24.01 22.67 8.29
CA ILE B 85 24.43 23.50 7.15
C ILE B 85 25.92 23.29 7.00
N SER B 86 26.30 22.83 5.83
CA SER B 86 27.69 22.54 5.49
C SER B 86 28.19 23.53 4.44
N VAL B 87 29.45 23.98 4.60
CA VAL B 87 30.10 24.77 3.56
C VAL B 87 31.40 24.03 3.27
N ILE B 88 31.65 23.75 2.00
CA ILE B 88 32.73 22.87 1.55
C ILE B 88 33.60 23.70 0.65
N THR B 89 34.91 23.64 0.87
CA THR B 89 35.90 24.35 0.06
C THR B 89 36.13 23.53 -1.19
N LEU B 90 36.09 24.19 -2.35
CA LEU B 90 36.30 23.51 -3.62
C LEU B 90 37.61 23.89 -4.25
N ILE B 91 38.32 22.91 -4.84
CA ILE B 91 39.43 23.15 -5.77
C ILE B 91 39.12 22.37 -7.04
N ASN B 92 39.83 22.60 -8.15
CA ASN B 92 39.61 21.81 -9.33
C ASN B 92 39.81 20.34 -9.03
N GLY B 93 38.72 19.57 -9.17
CA GLY B 93 38.74 18.12 -8.99
C GLY B 93 38.85 17.61 -7.56
N GLY B 94 38.61 18.49 -6.59
CA GLY B 94 38.75 18.13 -5.18
C GLY B 94 37.90 19.03 -4.31
N GLU B 95 37.80 18.70 -3.01
CA GLU B 95 37.09 19.49 -2.07
C GLU B 95 37.47 19.10 -0.66
N SER B 96 37.17 19.99 0.26
CA SER B 96 37.44 19.77 1.69
C SER B 96 36.47 18.78 2.26
N ALA B 97 36.80 18.33 3.48
CA ALA B 97 35.78 17.84 4.37
C ALA B 97 34.80 19.00 4.70
N PRO B 98 33.55 18.65 5.01
CA PRO B 98 32.59 19.78 5.19
C PRO B 98 32.80 20.41 6.55
N THR B 99 32.63 21.72 6.59
CA THR B 99 32.48 22.45 7.85
C THR B 99 30.97 22.43 8.02
N THR B 100 30.50 21.72 9.02
CA THR B 100 29.04 21.57 9.30
C THR B 100 28.65 22.02 10.68
N LEU B 101 27.61 22.84 10.74
CA LEU B 101 27.11 23.32 12.00
C LEU B 101 25.63 23.19 11.92
N THR B 102 25.00 23.04 13.07
CA THR B 102 23.51 23.01 13.13
C THR B 102 22.95 24.29 13.74
N GLN B 103 21.93 24.86 13.09
CA GLN B 103 21.21 26.04 13.50
C GLN B 103 19.72 25.80 13.32
N GLN B 104 18.92 26.14 14.35
CA GLN B 104 17.48 26.15 14.24
C GLN B 104 16.96 27.46 13.72
N THR B 105 15.96 27.39 12.85
CA THR B 105 15.19 28.61 12.52
C THR B 105 14.29 29.07 13.69
N ALA B 106 13.84 30.31 13.59
CA ALA B 106 13.08 30.94 14.62
C ALA B 106 11.64 30.40 14.68
N THR C 4 0.59 -12.71 5.36
CA THR C 4 0.34 -11.28 5.67
C THR C 4 -0.49 -10.62 4.57
N SER C 5 -1.69 -10.19 4.91
CA SER C 5 -2.64 -9.82 3.88
C SER C 5 -2.33 -8.43 3.31
N ASP C 6 -2.37 -8.34 1.99
CA ASP C 6 -2.24 -7.06 1.35
C ASP C 6 -3.62 -6.45 0.98
N LEU C 7 -4.72 -7.11 1.33
CA LEU C 7 -6.05 -6.60 1.09
C LEU C 7 -6.39 -5.30 1.83
N ILE C 8 -7.34 -4.57 1.28
CA ILE C 8 -7.96 -3.49 2.04
C ILE C 8 -8.49 -4.06 3.39
N PRO C 9 -8.05 -3.48 4.55
CA PRO C 9 -8.50 -4.03 5.84
C PRO C 9 -10.05 -4.04 5.94
N ALA C 10 -10.61 -5.12 6.45
CA ALA C 10 -12.02 -5.09 6.77
C ALA C 10 -12.31 -4.00 7.81
N PRO C 11 -13.50 -3.40 7.74
CA PRO C 11 -13.77 -2.22 8.51
C PRO C 11 -14.07 -2.60 9.96
N PRO C 12 -13.91 -1.62 10.87
CA PRO C 12 -14.39 -1.94 12.19
C PRO C 12 -15.91 -2.15 12.19
N LEU C 13 -16.38 -3.09 13.00
CA LEU C 13 -17.81 -3.42 13.03
C LEU C 13 -18.67 -2.23 13.51
N SER C 14 -18.05 -1.31 14.23
CA SER C 14 -18.65 -0.03 14.60
C SER C 14 -19.09 0.82 13.40
N LYS C 15 -18.49 0.59 12.24
CA LYS C 15 -18.87 1.28 10.99
C LYS C 15 -19.87 0.49 10.14
N VAL C 16 -20.31 -0.69 10.61
CA VAL C 16 -21.33 -1.50 9.95
C VAL C 16 -22.62 -1.58 10.79
N PRO C 17 -23.51 -0.62 10.60
CA PRO C 17 -24.82 -0.61 11.27
C PRO C 17 -25.69 -1.83 11.01
N LEU C 18 -26.61 -2.09 11.94
CA LEU C 18 -27.65 -3.09 11.80
C LEU C 18 -29.02 -2.43 11.69
N GLN C 19 -29.84 -2.90 10.75
CA GLN C 19 -31.21 -2.37 10.62
C GLN C 19 -31.97 -2.46 11.97
N GLN C 20 -32.42 -1.32 12.47
CA GLN C 20 -33.21 -1.28 13.70
C GLN C 20 -34.49 -2.12 13.54
N ASN C 21 -34.88 -2.81 14.59
CA ASN C 21 -36.12 -3.58 14.62
C ASN C 21 -36.30 -4.57 13.46
N PHE C 22 -35.20 -5.24 13.10
CA PHE C 22 -35.21 -6.16 11.99
C PHE C 22 -36.32 -7.17 12.06
N GLN C 23 -37.06 -7.31 10.96
CA GLN C 23 -38.20 -8.17 10.82
C GLN C 23 -37.88 -9.31 9.88
N ASP C 24 -37.43 -10.40 10.45
CA ASP C 24 -37.05 -11.56 9.62
C ASP C 24 -38.17 -12.02 8.67
N ASN C 25 -39.41 -11.95 9.08
CA ASN C 25 -40.50 -12.46 8.31
C ASN C 25 -40.75 -11.56 7.08
N GLN C 26 -40.42 -10.28 7.19
CA GLN C 26 -40.51 -9.41 5.95
C GLN C 26 -39.25 -9.38 5.08
N PHE C 27 -38.06 -9.60 5.65
CA PHE C 27 -36.86 -9.71 4.83
C PHE C 27 -36.90 -10.94 3.89
N HIS C 28 -37.67 -11.95 4.27
CA HIS C 28 -37.93 -13.14 3.52
C HIS C 28 -38.22 -12.89 2.05
N GLY C 29 -37.70 -13.74 1.21
CA GLY C 29 -38.05 -13.77 -0.20
C GLY C 29 -36.95 -13.45 -1.19
N LYS C 30 -37.40 -13.08 -2.38
CA LYS C 30 -36.54 -12.75 -3.50
C LYS C 30 -36.06 -11.30 -3.50
N TRP C 31 -34.74 -11.19 -3.58
CA TRP C 31 -34.00 -9.94 -3.75
C TRP C 31 -33.03 -9.90 -4.95
N TYR C 32 -33.17 -8.90 -5.83
CA TYR C 32 -32.31 -8.78 -6.99
C TYR C 32 -31.07 -8.00 -6.64
N VAL C 33 -29.89 -8.42 -7.14
CA VAL C 33 -28.63 -7.71 -6.95
C VAL C 33 -28.59 -6.49 -7.86
N VAL C 34 -28.55 -5.31 -7.28
CA VAL C 34 -28.48 -4.05 -8.03
C VAL C 34 -27.04 -3.53 -8.01
N GLY C 35 -26.41 -3.63 -6.85
CA GLY C 35 -25.03 -3.13 -6.69
C GLY C 35 -24.20 -4.07 -5.82
N ARG C 36 -22.90 -4.04 -6.02
CA ARG C 36 -21.95 -4.92 -5.31
C ARG C 36 -20.65 -4.17 -5.12
N ALA C 37 -19.99 -4.41 -3.98
CA ALA C 37 -18.72 -3.86 -3.72
C ALA C 37 -18.04 -4.83 -2.72
N GLY C 38 -16.76 -4.96 -2.88
CA GLY C 38 -15.98 -5.69 -1.82
C GLY C 38 -14.51 -5.47 -2.01
N ASN C 39 -13.68 -6.03 -1.13
CA ASN C 39 -12.24 -5.91 -1.25
C ASN C 39 -11.59 -6.99 -2.05
N MET C 40 -12.30 -8.04 -2.44
CA MET C 40 -11.62 -9.05 -3.26
C MET C 40 -11.26 -8.45 -4.60
N ARG C 41 -10.02 -8.64 -5.06
CA ARG C 41 -9.60 -8.05 -6.33
C ARG C 41 -10.25 -8.84 -7.49
N LEU C 42 -10.93 -8.11 -8.38
CA LEU C 42 -11.48 -8.69 -9.63
C LEU C 42 -10.61 -8.30 -10.80
N ARG C 43 -10.28 -9.25 -11.66
CA ARG C 43 -9.35 -8.98 -12.77
C ARG C 43 -10.17 -8.77 -14.02
N GLU C 44 -9.74 -7.83 -14.85
CA GLU C 44 -10.58 -7.26 -15.91
C GLU C 44 -11.24 -8.36 -16.74
N ASP C 45 -12.55 -8.24 -16.89
CA ASP C 45 -13.38 -9.33 -17.36
C ASP C 45 -14.72 -8.67 -17.64
N LYS C 46 -14.74 -7.92 -18.73
CA LYS C 46 -15.85 -7.02 -19.05
C LYS C 46 -17.07 -7.75 -19.62
N ASP C 47 -17.11 -9.08 -19.47
CA ASP C 47 -18.36 -9.83 -19.44
C ASP C 47 -18.21 -11.00 -18.44
N PRO C 48 -18.28 -10.67 -17.15
CA PRO C 48 -18.04 -11.73 -16.19
C PRO C 48 -19.32 -12.53 -15.83
N ALA C 49 -19.13 -13.56 -15.01
CA ALA C 49 -20.25 -14.16 -14.30
C ALA C 49 -20.90 -13.13 -13.43
N LYS C 50 -22.18 -13.37 -13.12
CA LYS C 50 -23.00 -12.43 -12.37
C LYS C 50 -23.68 -13.10 -11.16
N MET C 51 -23.92 -12.33 -10.08
CA MET C 51 -24.92 -12.72 -9.08
C MET C 51 -26.17 -11.92 -9.43
N VAL C 52 -27.23 -12.66 -9.68
CA VAL C 52 -28.43 -12.13 -10.25
C VAL C 52 -29.39 -11.72 -9.14
N ALA C 53 -29.56 -12.64 -8.17
CA ALA C 53 -30.50 -12.47 -7.08
C ALA C 53 -30.15 -13.43 -5.92
N THR C 54 -30.80 -13.21 -4.81
CA THR C 54 -30.66 -14.12 -3.67
C THR C 54 -32.05 -14.30 -3.08
N ILE C 55 -32.38 -15.55 -2.77
CA ILE C 55 -33.65 -15.93 -2.13
C ILE C 55 -33.39 -16.30 -0.65
N TYR C 56 -34.03 -15.57 0.23
CA TYR C 56 -33.88 -15.80 1.69
C TYR C 56 -35.17 -16.42 2.23
N GLU C 57 -35.20 -17.74 2.47
CA GLU C 57 -36.38 -18.46 2.93
C GLU C 57 -36.28 -18.62 4.44
N LEU C 58 -37.08 -17.89 5.18
CA LEU C 58 -37.08 -18.00 6.63
C LEU C 58 -37.68 -19.34 7.05
N LYS C 59 -37.03 -19.98 8.02
CA LYS C 59 -37.37 -21.35 8.43
C LYS C 59 -37.94 -21.26 9.82
N GLU C 60 -38.71 -22.28 10.21
CA GLU C 60 -39.31 -22.37 11.56
C GLU C 60 -38.26 -22.22 12.67
N ASP C 61 -37.06 -22.75 12.45
CA ASP C 61 -36.02 -22.62 13.45
C ASP C 61 -35.28 -21.27 13.46
N LYS C 62 -35.77 -20.31 12.65
CA LYS C 62 -35.32 -18.91 12.55
C LYS C 62 -34.09 -18.67 11.65
N SER C 63 -33.58 -19.73 11.04
CA SER C 63 -32.43 -19.62 10.13
C SER C 63 -33.03 -19.36 8.74
N TYR C 64 -32.19 -18.93 7.79
CA TYR C 64 -32.64 -18.78 6.41
C TYR C 64 -31.95 -19.83 5.56
N ASN C 65 -32.71 -20.46 4.69
CA ASN C 65 -32.21 -21.22 3.55
C ASN C 65 -31.96 -20.16 2.49
N VAL C 66 -30.70 -19.99 2.11
CA VAL C 66 -30.26 -18.94 1.20
C VAL C 66 -29.88 -19.53 -0.17
N THR C 67 -30.62 -19.14 -1.20
CA THR C 67 -30.36 -19.55 -2.57
C THR C 67 -29.73 -18.40 -3.30
N LYS C 68 -28.47 -18.56 -3.66
CA LYS C 68 -27.81 -17.59 -4.53
C LYS C 68 -28.03 -18.00 -5.97
N VAL C 69 -28.47 -17.06 -6.77
CA VAL C 69 -28.80 -17.23 -8.16
C VAL C 69 -27.75 -16.53 -8.98
N MET C 70 -26.97 -17.33 -9.71
CA MET C 70 -25.78 -16.88 -10.43
C MET C 70 -26.05 -16.98 -11.94
N PHE C 71 -25.30 -16.24 -12.76
CA PHE C 71 -25.40 -16.35 -14.20
C PHE C 71 -23.96 -16.56 -14.70
N GLN C 72 -23.63 -17.78 -15.11
CA GLN C 72 -22.24 -18.18 -15.48
C GLN C 72 -22.23 -18.71 -16.93
N ARG C 73 -21.53 -18.01 -17.82
CA ARG C 73 -21.62 -18.20 -19.28
C ARG C 73 -22.97 -18.84 -19.63
N LYS C 74 -24.01 -18.05 -19.35
CA LYS C 74 -25.42 -18.31 -19.72
C LYS C 74 -26.22 -19.29 -18.84
N LYS C 75 -25.58 -20.26 -18.21
CA LYS C 75 -26.27 -21.18 -17.31
C LYS C 75 -26.79 -20.31 -16.15
N CYS C 76 -28.09 -20.35 -15.90
CA CYS C 76 -28.60 -19.97 -14.59
C CYS C 76 -28.11 -21.03 -13.64
N LYS C 77 -27.56 -20.64 -12.49
CA LYS C 77 -27.19 -21.60 -11.48
C LYS C 77 -27.49 -21.18 -10.06
N TYR C 78 -27.61 -22.20 -9.23
CA TYR C 78 -28.24 -22.06 -7.92
C TYR C 78 -27.29 -22.67 -6.91
N MET C 79 -26.96 -21.90 -5.88
CA MET C 79 -26.17 -22.41 -4.77
C MET C 79 -26.85 -22.07 -3.48
N ILE C 80 -26.80 -23.03 -2.58
CA ILE C 80 -27.56 -22.98 -1.36
C ILE C 80 -26.60 -22.83 -0.18
N ASN C 81 -26.88 -21.88 0.70
CA ASN C 81 -26.23 -21.72 2.01
C ASN C 81 -27.32 -21.71 3.08
N THR C 82 -26.90 -21.71 4.35
CA THR C 82 -27.77 -21.45 5.52
C THR C 82 -27.22 -20.30 6.36
N PHE C 83 -28.04 -19.27 6.60
CA PHE C 83 -27.65 -18.19 7.50
C PHE C 83 -28.26 -18.51 8.86
N VAL C 84 -27.41 -18.61 9.87
CA VAL C 84 -27.80 -18.97 11.26
C VAL C 84 -27.78 -17.68 12.05
N PRO C 85 -28.89 -17.35 12.76
CA PRO C 85 -28.93 -16.07 13.45
C PRO C 85 -27.77 -15.85 14.42
N GLY C 86 -27.07 -14.73 14.26
CA GLY C 86 -25.94 -14.34 15.10
C GLY C 86 -26.37 -13.72 16.42
N SER C 87 -25.67 -12.70 16.87
CA SER C 87 -25.89 -12.11 18.21
C SER C 87 -27.15 -11.22 18.42
N GLN C 88 -27.59 -10.55 17.35
CA GLN C 88 -28.68 -9.59 17.39
C GLN C 88 -29.53 -9.75 16.12
N PRO C 89 -30.81 -9.36 16.14
CA PRO C 89 -31.69 -9.52 14.90
C PRO C 89 -31.15 -8.79 13.67
N GLY C 90 -31.00 -9.54 12.60
CA GLY C 90 -30.48 -8.97 11.35
C GLY C 90 -29.07 -9.40 11.15
N GLU C 91 -28.49 -10.12 12.14
CA GLU C 91 -27.10 -10.53 12.08
C GLU C 91 -27.12 -12.03 11.93
N PHE C 92 -26.17 -12.56 11.18
CA PHE C 92 -26.14 -13.95 10.84
C PHE C 92 -24.72 -14.43 10.67
N THR C 93 -24.52 -15.74 10.75
CA THR C 93 -23.26 -16.39 10.31
C THR C 93 -23.65 -17.53 9.39
N LEU C 94 -22.71 -17.97 8.60
CA LEU C 94 -22.97 -19.10 7.73
C LEU C 94 -22.99 -20.29 8.68
N GLY C 95 -23.25 -21.48 8.16
CA GLY C 95 -23.21 -22.68 9.07
C GLY C 95 -21.85 -22.93 9.77
N ALA C 96 -21.73 -24.02 10.52
CA ALA C 96 -20.39 -24.51 10.84
C ALA C 96 -19.80 -24.92 9.47
N ILE C 97 -18.53 -24.63 9.26
CA ILE C 97 -17.87 -24.99 7.99
C ILE C 97 -16.43 -25.55 8.17
N LYS C 98 -16.04 -26.52 7.34
CA LYS C 98 -14.70 -27.12 7.36
C LYS C 98 -13.69 -26.02 6.99
N SER C 99 -12.80 -25.71 7.94
CA SER C 99 -11.85 -24.61 7.82
C SER C 99 -10.48 -25.01 8.39
N PRO C 100 -9.38 -24.91 7.62
CA PRO C 100 -9.37 -24.67 6.18
C PRO C 100 -10.03 -25.84 5.49
N PRO C 101 -10.40 -25.74 4.22
CA PRO C 101 -10.14 -24.56 3.40
C PRO C 101 -11.28 -23.52 3.49
N GLY C 102 -12.41 -23.83 4.13
CA GLY C 102 -13.47 -22.80 4.29
C GLY C 102 -13.06 -21.69 5.23
N PRO C 103 -13.84 -20.57 5.29
CA PRO C 103 -13.48 -19.53 6.20
C PRO C 103 -13.54 -19.92 7.67
N THR C 104 -12.56 -19.44 8.43
CA THR C 104 -12.51 -19.60 9.89
C THR C 104 -13.72 -18.96 10.57
N SER C 105 -14.18 -17.80 10.04
CA SER C 105 -15.38 -17.16 10.58
C SER C 105 -16.10 -16.40 9.48
N THR C 106 -17.39 -16.16 9.73
CA THR C 106 -18.22 -15.43 8.77
C THR C 106 -19.13 -14.49 9.57
N LEU C 107 -19.63 -13.48 8.92
CA LEU C 107 -20.57 -12.52 9.53
C LEU C 107 -21.42 -11.96 8.39
N VAL C 108 -22.72 -11.86 8.63
CA VAL C 108 -23.63 -11.24 7.67
C VAL C 108 -24.40 -10.25 8.52
N ARG C 109 -24.55 -9.02 8.07
CA ARG C 109 -25.40 -8.00 8.73
C ARG C 109 -26.28 -7.32 7.71
N VAL C 110 -27.56 -7.27 8.03
CA VAL C 110 -28.48 -6.45 7.28
C VAL C 110 -28.35 -5.04 7.80
N VAL C 111 -27.79 -4.17 6.96
CA VAL C 111 -27.46 -2.85 7.33
C VAL C 111 -28.68 -1.93 7.32
N SER C 112 -29.41 -2.00 6.19
CA SER C 112 -30.66 -1.21 6.06
C SER C 112 -31.58 -1.90 5.10
N THR C 113 -32.89 -1.78 5.37
CA THR C 113 -33.91 -2.27 4.47
C THR C 113 -35.24 -1.66 4.83
N ASN C 114 -36.08 -1.40 3.82
CA ASN C 114 -37.48 -1.10 4.06
C ASN C 114 -38.39 -2.27 3.61
N TYR C 115 -37.79 -3.43 3.40
CA TYR C 115 -38.47 -4.71 3.14
C TYR C 115 -39.17 -4.88 1.81
N ASN C 116 -39.78 -3.83 1.34
CA ASN C 116 -40.54 -3.94 0.10
C ASN C 116 -39.88 -3.31 -1.09
N GLN C 117 -38.76 -2.66 -0.87
CA GLN C 117 -38.01 -2.00 -1.95
C GLN C 117 -36.55 -2.29 -2.01
N HIS C 118 -35.82 -2.04 -0.93
CA HIS C 118 -34.37 -2.19 -0.95
C HIS C 118 -33.88 -2.91 0.29
N ALA C 119 -32.68 -3.44 0.15
CA ALA C 119 -31.91 -3.96 1.34
C ALA C 119 -30.46 -3.77 1.02
N MET C 120 -29.66 -3.56 2.07
CA MET C 120 -28.22 -3.41 1.95
C MET C 120 -27.56 -4.31 2.98
N VAL C 121 -26.76 -5.22 2.48
CA VAL C 121 -26.25 -6.35 3.29
C VAL C 121 -24.74 -6.38 3.21
N PHE C 122 -24.12 -6.51 4.40
CA PHE C 122 -22.65 -6.60 4.57
C PHE C 122 -22.30 -8.05 4.90
N PHE C 123 -21.27 -8.55 4.21
CA PHE C 123 -20.70 -9.91 4.41
C PHE C 123 -19.22 -9.83 4.73
N LYS C 124 -18.76 -10.59 5.75
CA LYS C 124 -17.30 -10.64 6.09
C LYS C 124 -16.96 -12.12 6.27
N HIS C 125 -15.93 -12.59 5.58
CA HIS C 125 -15.50 -14.00 5.62
C HIS C 125 -14.01 -13.96 5.83
N VAL C 126 -13.54 -14.63 6.90
CA VAL C 126 -12.16 -14.56 7.34
C VAL C 126 -11.56 -15.93 7.04
N PHE C 127 -10.39 -15.92 6.42
CA PHE C 127 -9.61 -17.12 6.13
C PHE C 127 -8.30 -16.87 6.82
N GLN C 128 -8.29 -17.28 8.08
CA GLN C 128 -7.25 -17.03 9.08
C GLN C 128 -6.89 -15.58 9.18
N ASN C 129 -5.89 -15.18 8.43
CA ASN C 129 -5.38 -13.85 8.49
C ASN C 129 -5.88 -12.98 7.33
N ARG C 130 -6.68 -13.56 6.47
CA ARG C 130 -7.22 -12.81 5.30
C ARG C 130 -8.71 -12.61 5.47
N GLU C 131 -9.06 -11.34 5.52
CA GLU C 131 -10.42 -10.91 5.85
C GLU C 131 -11.02 -10.32 4.56
N TYR C 132 -12.02 -11.00 4.02
CA TYR C 132 -12.74 -10.43 2.82
C TYR C 132 -13.98 -9.80 3.35
N PHE C 133 -14.49 -8.79 2.64
CA PHE C 133 -15.80 -8.27 2.94
C PHE C 133 -16.46 -7.81 1.66
N HIS C 134 -17.79 -7.74 1.75
CA HIS C 134 -18.59 -7.35 0.56
C HIS C 134 -19.81 -6.65 1.04
N ILE C 135 -20.37 -5.78 0.19
CA ILE C 135 -21.65 -5.13 0.42
C ILE C 135 -22.52 -5.36 -0.78
N THR C 136 -23.72 -5.84 -0.55
CA THR C 136 -24.66 -5.98 -1.67
C THR C 136 -25.85 -5.09 -1.46
N LEU C 137 -26.23 -4.39 -2.57
CA LEU C 137 -27.44 -3.55 -2.64
C LEU C 137 -28.49 -4.35 -3.39
N TYR C 138 -29.59 -4.63 -2.76
CA TYR C 138 -30.66 -5.46 -3.24
C TYR C 138 -31.88 -4.66 -3.47
N GLY C 139 -32.63 -4.99 -4.54
CA GLY C 139 -33.99 -4.45 -4.76
C GLY C 139 -35.00 -5.57 -4.82
N ARG C 140 -36.24 -5.24 -4.56
CA ARG C 140 -37.31 -6.18 -4.77
C ARG C 140 -37.66 -6.26 -6.28
N THR C 141 -37.25 -5.26 -7.04
CA THR C 141 -37.26 -5.36 -8.50
C THR C 141 -35.80 -5.14 -8.90
N LYS C 142 -35.54 -5.16 -10.21
CA LYS C 142 -34.16 -5.19 -10.68
C LYS C 142 -33.49 -3.81 -10.70
N GLU C 143 -34.24 -2.71 -10.47
CA GLU C 143 -33.70 -1.37 -10.37
C GLU C 143 -34.08 -0.67 -9.05
N LEU C 144 -33.31 0.37 -8.75
CA LEU C 144 -33.48 1.20 -7.59
C LEU C 144 -33.29 2.69 -7.92
N THR C 145 -33.74 3.58 -7.05
CA THR C 145 -33.53 5.02 -7.23
C THR C 145 -32.05 5.42 -7.29
N SER C 146 -31.77 6.55 -7.93
CA SER C 146 -30.42 7.13 -7.89
C SER C 146 -29.98 7.36 -6.46
N GLU C 147 -30.90 7.84 -5.63
CA GLU C 147 -30.60 8.18 -4.23
C GLU C 147 -30.07 7.00 -3.39
N LEU C 148 -30.80 5.90 -3.43
CA LEU C 148 -30.48 4.67 -2.70
C LEU C 148 -29.14 4.16 -3.21
N LYS C 149 -28.91 4.23 -4.52
CA LYS C 149 -27.66 3.75 -5.11
C LYS C 149 -26.47 4.58 -4.71
N GLU C 150 -26.65 5.90 -4.71
CA GLU C 150 -25.57 6.78 -4.32
C GLU C 150 -25.24 6.58 -2.85
N ASN C 151 -26.28 6.38 -2.06
CA ASN C 151 -26.22 6.00 -0.66
C ASN C 151 -25.32 4.75 -0.42
N PHE C 152 -25.53 3.74 -1.23
CA PHE C 152 -24.74 2.50 -1.24
C PHE C 152 -23.30 2.76 -1.67
N ILE C 153 -23.11 3.59 -2.69
CA ILE C 153 -21.76 4.03 -3.00
C ILE C 153 -21.10 4.69 -1.78
N ARG C 154 -21.79 5.63 -1.12
CA ARG C 154 -21.22 6.37 0.01
C ARG C 154 -20.87 5.40 1.15
N PHE C 155 -21.78 4.49 1.42
CA PHE C 155 -21.55 3.54 2.50
C PHE C 155 -20.34 2.65 2.14
N SER C 156 -20.25 2.15 0.89
CA SER C 156 -19.12 1.33 0.47
C SER C 156 -17.79 2.08 0.66
N LYS C 157 -17.77 3.32 0.20
CA LYS C 157 -16.56 4.17 0.31
C LYS C 157 -16.18 4.39 1.75
N SER C 158 -17.17 4.46 2.64
CA SER C 158 -16.92 4.69 4.06
C SER C 158 -16.22 3.47 4.68
N LEU C 159 -16.33 2.31 4.05
CA LEU C 159 -15.66 1.10 4.56
C LEU C 159 -14.32 0.94 3.92
N GLY C 160 -13.88 1.95 3.17
CA GLY C 160 -12.55 1.97 2.52
C GLY C 160 -12.45 1.54 1.05
N LEU C 161 -13.58 1.29 0.37
CA LEU C 161 -13.52 0.77 -1.02
C LEU C 161 -13.48 1.93 -1.99
N PRO C 162 -12.47 1.92 -2.86
CA PRO C 162 -12.46 2.96 -3.87
C PRO C 162 -13.57 2.75 -4.90
N GLU C 163 -13.87 3.83 -5.64
CA GLU C 163 -14.93 3.80 -6.65
C GLU C 163 -14.84 2.59 -7.65
N ASN C 164 -13.64 2.13 -7.99
CA ASN C 164 -13.47 0.97 -8.89
C ASN C 164 -13.74 -0.41 -8.27
N HIS C 165 -14.02 -0.43 -6.97
CA HIS C 165 -14.46 -1.65 -6.31
C HIS C 165 -15.98 -1.67 -6.16
N ILE C 166 -16.66 -0.61 -6.62
CA ILE C 166 -18.10 -0.47 -6.42
C ILE C 166 -18.77 -0.51 -7.78
N VAL C 167 -19.69 -1.47 -7.98
CA VAL C 167 -20.13 -1.84 -9.36
C VAL C 167 -21.66 -1.97 -9.39
N PHE C 168 -22.30 -1.53 -10.49
CA PHE C 168 -23.75 -1.78 -10.67
C PHE C 168 -24.02 -2.58 -11.92
N PRO C 169 -23.93 -3.93 -11.85
CA PRO C 169 -24.02 -4.74 -13.07
C PRO C 169 -25.37 -4.63 -13.78
N VAL C 170 -25.36 -4.61 -15.13
CA VAL C 170 -26.62 -4.62 -15.86
C VAL C 170 -27.45 -5.88 -15.57
N PRO C 171 -28.72 -5.72 -15.15
CA PRO C 171 -29.58 -6.89 -14.88
C PRO C 171 -29.92 -7.81 -16.06
N ILE C 172 -30.26 -9.06 -15.72
CA ILE C 172 -30.60 -10.11 -16.71
C ILE C 172 -32.03 -10.61 -16.45
N ASP C 173 -32.72 -11.00 -17.51
CA ASP C 173 -34.12 -11.46 -17.44
C ASP C 173 -34.30 -12.95 -17.10
N GLN C 174 -33.21 -13.61 -16.74
CA GLN C 174 -33.18 -15.06 -16.68
C GLN C 174 -33.26 -15.53 -15.24
N CYS C 175 -33.54 -16.82 -15.07
CA CYS C 175 -33.36 -17.57 -13.81
C CYS C 175 -34.48 -17.42 -12.82
N ILE C 176 -34.94 -16.19 -12.66
CA ILE C 176 -35.71 -15.79 -11.52
C ILE C 176 -36.70 -14.80 -12.14
N ASP C 177 -37.98 -15.11 -12.02
CA ASP C 177 -39.03 -14.50 -12.85
C ASP C 177 -38.69 -13.08 -13.31
N ALA D 14 11.41 -6.66 -10.07
CA ALA D 14 11.41 -8.09 -9.71
C ALA D 14 10.00 -8.53 -9.30
N GLU D 15 9.12 -8.60 -10.30
CA GLU D 15 7.81 -9.18 -10.06
C GLU D 15 7.98 -10.60 -9.54
N VAL D 16 7.11 -10.98 -8.60
CA VAL D 16 7.09 -12.34 -8.16
C VAL D 16 6.54 -13.16 -9.34
N PRO D 17 7.27 -14.17 -9.76
CA PRO D 17 6.75 -14.95 -10.91
C PRO D 17 5.47 -15.72 -10.61
N GLN D 18 4.60 -15.71 -11.60
CA GLN D 18 3.41 -16.56 -11.66
C GLN D 18 3.75 -17.97 -12.06
N LEU D 19 2.92 -18.89 -11.57
CA LEU D 19 2.88 -20.23 -12.16
C LEU D 19 2.45 -20.09 -13.63
N THR D 20 3.03 -20.92 -14.47
CA THR D 20 2.69 -20.87 -15.91
C THR D 20 1.96 -22.07 -16.41
N ASP D 21 1.88 -23.13 -15.61
CA ASP D 21 1.33 -24.37 -16.07
C ASP D 21 0.29 -24.97 -15.12
N LEU D 22 -0.50 -24.12 -14.46
CA LEU D 22 -1.60 -24.58 -13.63
C LEU D 22 -2.56 -25.37 -14.55
N SER D 23 -2.92 -26.57 -14.12
CA SER D 23 -3.80 -27.45 -14.86
C SER D 23 -4.73 -28.19 -13.89
N PHE D 24 -5.84 -28.69 -14.43
CA PHE D 24 -6.83 -29.41 -13.64
C PHE D 24 -6.80 -30.91 -13.95
N VAL D 25 -6.97 -31.70 -12.90
CA VAL D 25 -6.99 -33.16 -12.97
C VAL D 25 -8.15 -33.68 -12.12
N ASP D 26 -8.55 -34.94 -12.35
CA ASP D 26 -9.52 -35.66 -11.49
C ASP D 26 -10.68 -34.77 -11.04
N ILE D 27 -11.46 -34.35 -12.02
CA ILE D 27 -12.57 -33.42 -11.85
C ILE D 27 -13.85 -34.21 -11.60
N THR D 28 -14.27 -34.25 -10.33
CA THR D 28 -15.53 -34.87 -9.96
C THR D 28 -16.52 -33.74 -9.82
N ASP D 29 -17.75 -34.11 -9.48
CA ASP D 29 -18.81 -33.13 -9.23
C ASP D 29 -18.73 -32.38 -7.90
N SER D 30 -17.82 -32.79 -7.02
CA SER D 30 -17.52 -32.01 -5.82
C SER D 30 -16.03 -31.76 -5.59
N SER D 31 -15.18 -32.07 -6.58
CA SER D 31 -13.73 -32.00 -6.40
C SER D 31 -13.01 -31.57 -7.68
N ILE D 32 -11.97 -30.75 -7.54
CA ILE D 32 -11.07 -30.46 -8.64
C ILE D 32 -9.61 -30.58 -8.16
N GLY D 33 -8.87 -31.53 -8.73
CA GLY D 33 -7.43 -31.61 -8.46
C GLY D 33 -6.70 -30.49 -9.21
N LEU D 34 -5.70 -29.86 -8.59
CA LEU D 34 -4.87 -28.88 -9.29
C LEU D 34 -3.47 -29.45 -9.40
N ARG D 35 -2.78 -29.07 -10.46
CA ARG D 35 -1.39 -29.43 -10.63
C ARG D 35 -0.62 -28.30 -11.34
N TRP D 36 0.58 -28.04 -10.83
CA TRP D 36 1.50 -27.08 -11.41
C TRP D 36 2.91 -27.60 -11.17
N THR D 37 3.86 -26.97 -11.83
CA THR D 37 5.26 -27.23 -11.54
C THR D 37 5.78 -26.25 -10.48
N PRO D 38 6.31 -26.77 -9.36
CA PRO D 38 6.83 -25.80 -8.42
C PRO D 38 7.97 -24.92 -8.96
N LEU D 39 7.98 -23.66 -8.52
CA LEU D 39 8.99 -22.67 -8.90
C LEU D 39 10.22 -22.87 -8.01
N ASN D 40 11.41 -22.50 -8.48
CA ASN D 40 12.61 -22.98 -7.87
C ASN D 40 13.36 -21.96 -7.04
N SER D 41 13.04 -20.67 -7.17
CA SER D 41 13.78 -19.63 -6.43
C SER D 41 13.66 -19.90 -4.93
N SER D 42 14.73 -19.60 -4.25
CA SER D 42 14.84 -19.82 -2.83
C SER D 42 13.92 -18.85 -2.09
N THR D 43 13.49 -17.81 -2.80
CA THR D 43 12.62 -16.76 -2.23
C THR D 43 11.19 -17.25 -2.04
N ILE D 44 10.83 -18.32 -2.74
CA ILE D 44 9.44 -18.78 -2.72
C ILE D 44 9.18 -19.51 -1.44
N ILE D 45 8.09 -19.12 -0.79
CA ILE D 45 7.75 -19.67 0.50
C ILE D 45 6.54 -20.56 0.40
N GLY D 46 5.88 -20.53 -0.75
CA GLY D 46 4.71 -21.41 -0.96
C GLY D 46 3.71 -20.80 -1.90
N TYR D 47 2.49 -21.28 -1.83
CA TYR D 47 1.39 -20.94 -2.79
C TYR D 47 0.12 -20.74 -2.01
N ARG D 48 -0.67 -19.73 -2.39
CA ARG D 48 -2.03 -19.60 -1.90
C ARG D 48 -2.99 -20.06 -2.97
N ILE D 49 -4.04 -20.78 -2.58
CA ILE D 49 -5.02 -21.25 -3.53
C ILE D 49 -6.32 -20.60 -3.13
N THR D 50 -6.91 -19.81 -4.02
CA THR D 50 -8.19 -19.17 -3.73
C THR D 50 -9.21 -19.69 -4.73
N VAL D 51 -10.36 -20.08 -4.23
CA VAL D 51 -11.46 -20.58 -5.06
C VAL D 51 -12.66 -19.67 -4.85
N VAL D 52 -13.22 -19.21 -5.96
CA VAL D 52 -14.37 -18.33 -5.99
C VAL D 52 -15.40 -19.02 -6.91
N ALA D 53 -16.65 -19.13 -6.47
CA ALA D 53 -17.76 -19.47 -7.38
C ALA D 53 -18.00 -18.28 -8.25
N ALA D 54 -17.89 -18.48 -9.54
CA ALA D 54 -17.79 -17.36 -10.40
C ALA D 54 -19.04 -16.48 -10.34
N GLY D 55 -18.78 -15.19 -10.17
CA GLY D 55 -19.82 -14.19 -9.94
C GLY D 55 -19.96 -13.83 -8.47
N GLU D 56 -19.46 -14.67 -7.58
CA GLU D 56 -19.42 -14.31 -6.13
C GLU D 56 -18.36 -13.26 -5.89
N GLY D 57 -18.51 -12.55 -4.78
CA GLY D 57 -17.61 -11.47 -4.45
C GLY D 57 -16.60 -11.81 -3.42
N ILE D 58 -16.77 -12.97 -2.78
CA ILE D 58 -15.90 -13.49 -1.71
C ILE D 58 -15.51 -14.92 -2.13
N PRO D 59 -14.30 -15.37 -1.86
CA PRO D 59 -14.02 -16.77 -2.13
C PRO D 59 -14.81 -17.73 -1.21
N ILE D 60 -14.95 -18.96 -1.67
CA ILE D 60 -15.61 -20.06 -0.91
C ILE D 60 -14.54 -20.77 -0.11
N PHE D 61 -13.35 -20.84 -0.69
CA PHE D 61 -12.27 -21.63 -0.12
C PHE D 61 -10.95 -20.96 -0.32
N GLU D 62 -10.06 -21.11 0.64
CA GLU D 62 -8.70 -20.56 0.50
C GLU D 62 -7.76 -21.34 1.37
N ASP D 63 -6.58 -21.58 0.85
CA ASP D 63 -5.60 -22.42 1.57
C ASP D 63 -4.18 -22.07 1.16
N PHE D 64 -3.26 -22.59 1.93
CA PHE D 64 -1.83 -22.42 1.68
C PHE D 64 -1.13 -23.76 1.63
N VAL D 65 -0.14 -23.85 0.75
CA VAL D 65 0.80 -24.97 0.68
C VAL D 65 2.21 -24.50 0.54
N ASP D 66 3.16 -25.22 1.15
CA ASP D 66 4.58 -24.86 1.07
C ASP D 66 5.12 -24.94 -0.37
N SER D 67 6.32 -24.39 -0.55
CA SER D 67 6.98 -24.28 -1.84
C SER D 67 7.40 -25.62 -2.50
N SER D 68 7.52 -26.67 -1.69
CA SER D 68 7.76 -28.04 -2.22
C SER D 68 6.52 -28.72 -2.78
N VAL D 69 5.37 -28.05 -2.79
CA VAL D 69 4.10 -28.63 -3.27
C VAL D 69 3.66 -28.16 -4.68
N GLY D 70 3.22 -29.13 -5.50
CA GLY D 70 2.71 -28.90 -6.86
C GLY D 70 1.36 -29.59 -7.12
N TYR D 71 0.71 -30.12 -6.07
CA TYR D 71 -0.63 -30.73 -6.16
C TYR D 71 -1.50 -30.05 -5.13
N TYR D 72 -2.82 -30.04 -5.37
CA TYR D 72 -3.83 -29.66 -4.38
C TYR D 72 -5.21 -30.12 -4.79
N THR D 73 -5.93 -30.79 -3.90
CA THR D 73 -7.28 -31.24 -4.20
C THR D 73 -8.31 -30.25 -3.66
N VAL D 74 -9.10 -29.63 -4.54
CA VAL D 74 -10.18 -28.77 -4.11
C VAL D 74 -11.40 -29.68 -4.00
N THR D 75 -11.88 -29.89 -2.78
CA THR D 75 -13.05 -30.71 -2.51
C THR D 75 -14.21 -29.92 -1.94
N GLY D 76 -15.38 -30.57 -1.88
CA GLY D 76 -16.55 -29.97 -1.23
C GLY D 76 -17.19 -28.90 -2.10
N LEU D 77 -16.95 -29.01 -3.40
CA LEU D 77 -17.54 -28.07 -4.40
C LEU D 77 -18.92 -28.57 -4.79
N GLU D 78 -19.67 -27.66 -5.40
CA GLU D 78 -21.03 -27.91 -5.86
C GLU D 78 -21.02 -28.32 -7.34
N PRO D 79 -21.84 -29.33 -7.73
CA PRO D 79 -21.80 -29.79 -9.12
C PRO D 79 -22.33 -28.77 -10.12
N GLY D 80 -21.67 -28.66 -11.25
CA GLY D 80 -22.17 -27.89 -12.38
C GLY D 80 -21.92 -26.41 -12.24
N ILE D 81 -21.00 -26.04 -11.33
CA ILE D 81 -20.74 -24.63 -11.06
C ILE D 81 -19.36 -24.34 -11.59
N ASP D 82 -19.25 -23.19 -12.24
CA ASP D 82 -17.91 -22.67 -12.63
C ASP D 82 -17.19 -22.07 -11.45
N TYR D 83 -15.97 -22.55 -11.22
CA TYR D 83 -15.12 -22.02 -10.18
C TYR D 83 -13.92 -21.27 -10.80
N ASP D 84 -13.67 -20.06 -10.29
CA ASP D 84 -12.55 -19.22 -10.73
C ASP D 84 -11.49 -19.58 -9.72
N ILE D 85 -10.47 -20.32 -10.18
CA ILE D 85 -9.44 -20.89 -9.30
C ILE D 85 -8.09 -20.18 -9.54
N SER D 86 -7.54 -19.63 -8.45
CA SER D 86 -6.32 -18.79 -8.46
C SER D 86 -5.25 -19.53 -7.63
N VAL D 87 -4.06 -19.68 -8.20
CA VAL D 87 -2.86 -20.08 -7.45
C VAL D 87 -1.90 -18.87 -7.56
N ILE D 88 -1.53 -18.36 -6.39
CA ILE D 88 -0.68 -17.24 -6.20
C ILE D 88 0.65 -17.66 -5.59
N THR D 89 1.75 -17.25 -6.22
CA THR D 89 3.12 -17.50 -5.75
C THR D 89 3.42 -16.54 -4.62
N LEU D 90 3.89 -17.07 -3.47
CA LEU D 90 4.15 -16.26 -2.31
C LEU D 90 5.66 -16.13 -2.00
N ILE D 91 6.12 -14.94 -1.69
CA ILE D 91 7.43 -14.72 -1.08
C ILE D 91 7.23 -14.12 0.30
N ASN D 92 8.33 -13.83 0.99
CA ASN D 92 8.17 -13.17 2.27
C ASN D 92 7.67 -11.75 2.13
N GLY D 93 6.41 -11.48 2.53
CA GLY D 93 5.84 -10.12 2.39
C GLY D 93 5.47 -9.69 0.96
N GLY D 94 5.36 -10.64 0.05
CA GLY D 94 5.04 -10.35 -1.38
C GLY D 94 4.35 -11.52 -2.08
N GLU D 95 3.76 -11.24 -3.25
CA GLU D 95 3.10 -12.28 -3.98
C GLU D 95 2.97 -11.90 -5.44
N SER D 96 2.89 -12.90 -6.27
CA SER D 96 2.60 -12.70 -7.72
C SER D 96 1.18 -12.28 -7.98
N ALA D 97 0.96 -11.82 -9.23
CA ALA D 97 -0.36 -11.73 -9.74
C ALA D 97 -1.00 -13.12 -9.82
N PRO D 98 -2.29 -13.22 -9.58
CA PRO D 98 -2.85 -14.54 -9.50
C PRO D 98 -2.87 -15.25 -10.86
N THR D 99 -2.56 -16.54 -10.91
CA THR D 99 -2.79 -17.37 -12.08
C THR D 99 -4.13 -18.02 -11.90
N THR D 100 -5.05 -17.58 -12.71
CA THR D 100 -6.48 -17.93 -12.56
C THR D 100 -6.87 -18.76 -13.76
N LEU D 101 -7.62 -19.81 -13.47
CA LEU D 101 -8.28 -20.58 -14.52
C LEU D 101 -9.71 -20.86 -14.06
N THR D 102 -10.62 -20.98 -15.02
CA THR D 102 -12.03 -21.31 -14.71
C THR D 102 -12.31 -22.77 -15.05
N GLN D 103 -12.76 -23.51 -14.03
CA GLN D 103 -13.16 -24.90 -14.20
C GLN D 103 -14.54 -25.14 -13.61
N GLN D 104 -15.37 -25.85 -14.36
CA GLN D 104 -16.69 -26.21 -13.89
C GLN D 104 -16.60 -27.60 -13.33
N THR D 105 -17.21 -27.83 -12.18
CA THR D 105 -17.39 -29.19 -11.64
C THR D 105 -18.37 -30.00 -12.54
N ALA D 106 -18.21 -31.33 -12.55
CA ALA D 106 -18.91 -32.20 -13.51
C ALA D 106 -20.43 -32.01 -13.55
#